data_4TX2
#
_entry.id   4TX2
#
_cell.length_a   134.990
_cell.length_b   134.990
_cell.length_c   54.370
_cell.angle_alpha   90.000
_cell.angle_beta   90.000
_cell.angle_gamma   120.000
#
_symmetry.space_group_name_H-M   'P 61'
#
loop_
_entity.id
_entity.type
_entity.pdbx_description
1 polymer 'Non-ribosomal peptide synthetase'
2 water water
#
_entity_poly.entity_id   1
_entity_poly.type   'polypeptide(L)'
_entity_poly.pdbx_seq_one_letter_code
;GAMGRPALEAVTRPERVPLTARQLRAWLLARPSEETRGRHLSVALRLRGRLDVAALEAALRDVAARHEILRTTFPGDAQT
VHQHIHDAAPVRLTPVPATEEDLPARLAERGEQLFDLTRDMPWRCELFALSEKEHVLSVTVHRIAADDDSMDVFFRDLAA
AYGARRAGRAPERAPLALQFADYAIWEQRLLDGEREQDSLINDQITFWRNHLAGIDQETVLPFDRARPAIPSRRAGTVAL
RLDAGPHARLAEAVESAGADMPQLVQAALAMLLTRYGAGTDLVIGTTLPRDEDLIDLEPMIGPFARPFPVRTDLSADPTF
LEVVARVQEAVREARQHLDVPFEKIPELLALPGSLSRHPVYQVGLQVREEDNGAWDAAELPALRTSVEPTGVEAIELDLA
FALTERRNDDDDEDGIEGALHYAADLFDHDTAASLARRLVRVLEQVAEDPGRRISDLDILLDDAERGAPLESAWSHPQFE
K
;
_entity_poly.pdbx_strand_id   B
#
# COMPACT_ATOMS: atom_id res chain seq x y z
N PRO A 6 -7.93 9.36 -23.92
CA PRO A 6 -6.76 8.61 -24.41
C PRO A 6 -6.96 7.11 -24.31
N ALA A 7 -6.29 6.35 -25.17
CA ALA A 7 -6.41 4.90 -25.17
C ALA A 7 -5.21 4.26 -24.47
N LEU A 8 -5.50 3.38 -23.50
CA LEU A 8 -4.45 2.64 -22.82
C LEU A 8 -3.84 1.63 -23.78
N GLU A 9 -2.85 2.08 -24.54
CA GLU A 9 -2.31 1.32 -25.65
C GLU A 9 -0.79 1.20 -25.56
N ALA A 10 -0.22 0.20 -26.22
CA ALA A 10 1.23 0.11 -26.38
C ALA A 10 1.69 1.17 -27.36
N VAL A 11 2.46 2.14 -26.86
CA VAL A 11 2.82 3.31 -27.64
C VAL A 11 4.31 3.35 -27.97
N THR A 12 4.65 3.93 -29.12
CA THR A 12 6.02 4.22 -29.48
C THR A 12 6.66 5.11 -28.42
N ARG A 13 7.76 4.63 -27.83
CA ARG A 13 8.42 5.31 -26.72
C ARG A 13 9.06 6.63 -27.13
N PRO A 14 8.96 7.65 -26.27
CA PRO A 14 9.72 8.88 -26.43
C PRO A 14 11.19 8.65 -26.07
N GLU A 15 12.04 9.65 -26.29
CA GLU A 15 13.44 9.53 -25.91
C GLU A 15 13.56 9.52 -24.38
N ARG A 16 12.54 10.08 -23.72
CA ARG A 16 12.47 10.07 -22.27
C ARG A 16 11.10 9.65 -21.76
N VAL A 17 11.00 8.40 -21.29
CA VAL A 17 9.78 7.90 -20.68
C VAL A 17 9.56 8.57 -19.33
N PRO A 18 8.46 9.33 -19.19
CA PRO A 18 8.18 10.09 -17.98
C PRO A 18 7.74 9.21 -16.82
N LEU A 19 7.98 9.68 -15.60
CA LEU A 19 7.47 8.99 -14.41
C LEU A 19 6.01 9.36 -14.19
N THR A 20 5.30 8.52 -13.46
CA THR A 20 3.96 8.86 -13.00
C THR A 20 4.09 9.81 -11.83
N ALA A 21 2.99 10.46 -11.45
CA ALA A 21 2.99 11.34 -10.29
C ALA A 21 3.35 10.55 -9.04
N ARG A 22 2.92 9.29 -9.01
CA ARG A 22 3.21 8.40 -7.88
C ARG A 22 4.68 8.02 -7.85
N GLN A 23 5.24 7.69 -9.01
CA GLN A 23 6.65 7.36 -9.12
C GLN A 23 7.53 8.57 -8.77
N LEU A 24 7.13 9.73 -9.27
CA LEU A 24 7.88 10.96 -9.07
C LEU A 24 7.99 11.31 -7.58
N ARG A 25 6.88 11.16 -6.87
CA ARG A 25 6.87 11.44 -5.43
C ARG A 25 7.79 10.47 -4.69
N ALA A 26 7.72 9.19 -5.05
CA ALA A 26 8.56 8.17 -4.44
C ALA A 26 10.03 8.44 -4.73
N TRP A 27 10.30 9.04 -5.88
CA TRP A 27 11.66 9.35 -6.29
C TRP A 27 12.25 10.47 -5.45
N LEU A 28 11.43 11.46 -5.12
CA LEU A 28 11.85 12.61 -4.32
C LEU A 28 12.08 12.21 -2.87
N LEU A 29 11.34 11.20 -2.41
CA LEU A 29 11.43 10.74 -1.03
C LEU A 29 12.63 9.81 -0.82
N ALA A 30 13.12 9.23 -1.91
CA ALA A 30 14.23 8.28 -1.84
C ALA A 30 15.57 9.01 -1.73
N ARG A 31 15.52 10.34 -1.80
CA ARG A 31 16.73 11.15 -1.68
C ARG A 31 17.05 11.44 -0.21
N GLU A 34 20.37 9.29 3.63
CA GLU A 34 19.86 9.83 4.88
C GLU A 34 19.67 8.74 5.93
N GLU A 35 19.32 9.17 7.15
CA GLU A 35 18.98 8.24 8.21
C GLU A 35 17.63 7.57 7.92
N THR A 36 16.80 8.28 7.17
CA THR A 36 15.45 7.83 6.82
C THR A 36 15.42 6.45 6.19
N ARG A 37 14.51 5.61 6.69
CA ARG A 37 14.30 4.28 6.12
C ARG A 37 13.69 4.37 4.73
N GLY A 38 13.93 3.35 3.91
CA GLY A 38 13.41 3.32 2.56
C GLY A 38 12.04 2.66 2.49
N ARG A 39 11.16 3.23 1.66
CA ARG A 39 9.83 2.69 1.46
C ARG A 39 9.89 1.47 0.55
N HIS A 40 10.02 0.29 1.15
CA HIS A 40 10.21 -0.94 0.40
C HIS A 40 9.10 -1.96 0.64
N LEU A 41 8.99 -2.91 -0.29
CA LEU A 41 8.14 -4.08 -0.10
C LEU A 41 9.02 -5.31 0.12
N SER A 42 9.16 -5.71 1.38
CA SER A 42 10.04 -6.83 1.71
C SER A 42 9.24 -8.07 2.09
N VAL A 43 9.31 -9.09 1.24
CA VAL A 43 8.62 -10.35 1.48
C VAL A 43 9.61 -11.51 1.49
N ALA A 44 9.14 -12.68 1.90
CA ALA A 44 10.00 -13.85 1.97
C ALA A 44 9.22 -15.17 1.83
N LEU A 45 9.82 -16.14 1.15
CA LEU A 45 9.24 -17.46 1.01
C LEU A 45 10.08 -18.51 1.72
N ARG A 46 9.42 -19.41 2.44
CA ARG A 46 10.10 -20.57 3.01
C ARG A 46 9.97 -21.75 2.05
N LEU A 47 11.11 -22.26 1.59
CA LEU A 47 11.11 -23.33 0.58
C LEU A 47 11.63 -24.64 1.16
N ARG A 48 10.73 -25.60 1.31
CA ARG A 48 11.11 -26.92 1.82
C ARG A 48 11.12 -27.97 0.71
N GLY A 49 12.27 -28.63 0.54
CA GLY A 49 12.44 -29.62 -0.49
C GLY A 49 13.70 -29.38 -1.29
N ARG A 50 13.87 -30.12 -2.39
CA ARG A 50 15.03 -29.95 -3.25
C ARG A 50 14.92 -28.65 -4.04
N LEU A 51 15.82 -27.71 -3.78
CA LEU A 51 15.80 -26.44 -4.48
C LEU A 51 16.86 -26.39 -5.58
N ASP A 52 16.40 -26.18 -6.81
CA ASP A 52 17.30 -25.98 -7.94
C ASP A 52 17.71 -24.51 -8.00
N VAL A 53 18.80 -24.17 -7.31
CA VAL A 53 19.27 -22.80 -7.19
C VAL A 53 19.55 -22.18 -8.56
N ALA A 54 20.11 -22.99 -9.46
CA ALA A 54 20.40 -22.54 -10.81
C ALA A 54 19.12 -22.17 -11.55
N ALA A 55 18.08 -22.97 -11.35
CA ALA A 55 16.79 -22.72 -11.98
C ALA A 55 16.10 -21.52 -11.34
N LEU A 56 16.34 -21.32 -10.05
CA LEU A 56 15.75 -20.19 -9.33
C LEU A 56 16.35 -18.87 -9.80
N GLU A 57 17.66 -18.88 -10.08
CA GLU A 57 18.35 -17.71 -10.60
C GLU A 57 17.76 -17.28 -11.94
N ALA A 58 17.60 -18.24 -12.84
CA ALA A 58 17.07 -17.97 -14.17
C ALA A 58 15.60 -17.54 -14.10
N ALA A 59 14.86 -18.14 -13.17
CA ALA A 59 13.45 -17.80 -12.99
C ALA A 59 13.27 -16.36 -12.55
N LEU A 60 14.14 -15.92 -11.63
CA LEU A 60 14.10 -14.55 -11.14
C LEU A 60 14.45 -13.55 -12.24
N ARG A 61 15.40 -13.93 -13.10
CA ARG A 61 15.75 -13.09 -14.24
C ARG A 61 14.61 -13.08 -15.26
N ASP A 62 13.92 -14.20 -15.38
CA ASP A 62 12.78 -14.32 -16.28
C ASP A 62 11.65 -13.37 -15.90
N VAL A 63 11.43 -13.22 -14.61
CA VAL A 63 10.39 -12.31 -14.12
C VAL A 63 10.77 -10.86 -14.44
N ALA A 64 12.04 -10.55 -14.28
CA ALA A 64 12.55 -9.20 -14.56
C ALA A 64 12.50 -8.90 -16.06
N ALA A 65 12.72 -9.93 -16.87
CA ALA A 65 12.68 -9.78 -18.32
C ALA A 65 11.25 -9.63 -18.82
N ARG A 66 10.30 -10.09 -18.01
CA ARG A 66 8.89 -10.01 -18.35
C ARG A 66 8.32 -8.63 -18.01
N HIS A 67 8.77 -8.07 -16.89
CA HIS A 67 8.31 -6.76 -16.44
C HIS A 67 9.42 -5.74 -16.54
N GLU A 68 9.30 -4.79 -17.48
CA GLU A 68 10.33 -3.79 -17.71
C GLU A 68 10.59 -2.90 -16.50
N ILE A 69 9.62 -2.83 -15.60
CA ILE A 69 9.73 -1.95 -14.45
C ILE A 69 10.72 -2.49 -13.41
N LEU A 70 10.97 -3.80 -13.47
CA LEU A 70 11.92 -4.42 -12.55
C LEU A 70 13.36 -4.14 -12.99
N ARG A 71 13.53 -3.76 -14.25
CA ARG A 71 14.84 -3.40 -14.77
C ARG A 71 14.85 -1.95 -15.25
N THR A 72 14.41 -1.04 -14.37
CA THR A 72 14.31 0.37 -14.69
C THR A 72 15.00 1.25 -13.65
N THR A 73 15.90 2.11 -14.10
CA THR A 73 16.53 3.09 -13.22
C THR A 73 15.92 4.46 -13.49
N PHE A 74 16.20 5.43 -12.61
CA PHE A 74 15.55 6.74 -12.72
C PHE A 74 16.52 7.91 -12.58
N PRO A 75 17.31 8.18 -13.63
CA PRO A 75 18.20 9.36 -13.66
C PRO A 75 17.49 10.58 -14.26
N GLY A 76 17.86 11.78 -13.84
CA GLY A 76 18.89 12.01 -12.85
C GLY A 76 18.48 12.99 -11.76
N ASP A 77 17.85 14.10 -12.16
CA ASP A 77 17.35 15.07 -11.19
C ASP A 77 15.86 15.33 -11.38
N ALA A 78 15.28 16.12 -10.46
CA ALA A 78 13.83 16.31 -10.40
C ALA A 78 13.24 16.96 -11.65
N GLN A 79 14.00 17.83 -12.31
CA GLN A 79 13.49 18.45 -13.53
C GLN A 79 13.68 17.58 -14.76
N THR A 80 14.44 16.50 -14.62
CA THR A 80 14.83 15.71 -15.79
C THR A 80 14.61 14.20 -15.63
N VAL A 81 14.16 13.78 -14.45
CA VAL A 81 14.05 12.35 -14.13
C VAL A 81 13.13 11.60 -15.11
N HIS A 82 13.64 10.49 -15.64
CA HIS A 82 12.89 9.67 -16.58
C HIS A 82 13.10 8.19 -16.29
N GLN A 83 12.27 7.35 -16.90
CA GLN A 83 12.38 5.90 -16.71
C GLN A 83 13.36 5.28 -17.71
N HIS A 84 14.56 4.99 -17.26
CA HIS A 84 15.56 4.34 -18.11
C HIS A 84 15.40 2.83 -18.05
N ILE A 85 14.89 2.25 -19.14
CA ILE A 85 14.63 0.82 -19.19
C ILE A 85 15.80 0.05 -19.80
N HIS A 86 16.45 -0.75 -18.97
CA HIS A 86 17.61 -1.55 -19.40
C HIS A 86 17.19 -2.94 -19.86
N ASP A 87 18.09 -3.62 -20.54
CA ASP A 87 17.88 -5.02 -20.88
C ASP A 87 17.96 -5.86 -19.62
N ALA A 88 17.47 -7.09 -19.69
CA ALA A 88 17.40 -7.97 -18.52
C ALA A 88 18.78 -8.22 -17.91
N ALA A 89 18.92 -7.87 -16.63
CA ALA A 89 20.16 -8.08 -15.91
C ALA A 89 20.19 -9.46 -15.27
N PRO A 90 21.35 -10.13 -15.31
CA PRO A 90 21.52 -11.46 -14.73
C PRO A 90 21.23 -11.49 -13.23
N VAL A 91 20.87 -12.66 -12.72
CA VAL A 91 20.62 -12.83 -11.30
C VAL A 91 21.56 -13.87 -10.69
N ARG A 92 22.40 -13.44 -9.76
CA ARG A 92 23.37 -14.32 -9.14
C ARG A 92 23.02 -14.61 -7.68
N LEU A 93 22.61 -15.85 -7.41
CA LEU A 93 22.28 -16.27 -6.05
C LEU A 93 23.35 -17.18 -5.48
N THR A 94 23.99 -16.73 -4.41
CA THR A 94 24.91 -17.56 -3.65
C THR A 94 24.36 -17.73 -2.24
N PRO A 95 23.81 -18.93 -1.95
CA PRO A 95 23.12 -19.26 -0.71
C PRO A 95 23.88 -18.84 0.55
N VAL A 96 23.26 -17.99 1.37
CA VAL A 96 23.84 -17.56 2.63
C VAL A 96 23.43 -18.51 3.74
N PRO A 97 24.40 -19.22 4.34
CA PRO A 97 24.14 -20.14 5.45
C PRO A 97 23.53 -19.42 6.65
N ALA A 98 22.34 -19.85 7.07
CA ALA A 98 21.64 -19.20 8.17
C ALA A 98 21.02 -20.22 9.13
N THR A 99 20.80 -19.79 10.37
CA THR A 99 20.10 -20.60 11.34
C THR A 99 18.74 -19.96 11.63
N GLU A 100 17.85 -20.72 12.27
CA GLU A 100 16.51 -20.21 12.57
C GLU A 100 16.54 -19.05 13.56
N GLU A 101 17.67 -18.88 14.24
CA GLU A 101 17.82 -17.83 15.24
C GLU A 101 18.20 -16.48 14.63
N ASP A 102 19.22 -16.48 13.77
CA ASP A 102 19.74 -15.23 13.21
C ASP A 102 19.05 -14.84 11.90
N LEU A 103 18.22 -15.74 11.37
CA LEU A 103 17.54 -15.50 10.11
C LEU A 103 16.66 -14.24 10.08
N PRO A 104 15.90 -13.97 11.16
CA PRO A 104 15.11 -12.72 11.12
C PRO A 104 15.98 -11.47 11.01
N ALA A 105 17.15 -11.48 11.63
CA ALA A 105 18.06 -10.34 11.56
C ALA A 105 18.63 -10.20 10.14
N ARG A 106 18.80 -11.32 9.46
CA ARG A 106 19.32 -11.31 8.10
C ARG A 106 18.27 -10.79 7.12
N LEU A 107 17.02 -11.20 7.32
CA LEU A 107 15.92 -10.74 6.48
C LEU A 107 15.69 -9.24 6.67
N ALA A 108 15.91 -8.77 7.89
CA ALA A 108 15.72 -7.36 8.20
C ALA A 108 16.76 -6.50 7.49
N GLU A 109 18.03 -6.84 7.65
CA GLU A 109 19.13 -6.07 7.08
C GLU A 109 19.01 -5.89 5.57
N ARG A 110 18.63 -6.95 4.87
CA ARG A 110 18.49 -6.91 3.43
C ARG A 110 17.23 -6.17 3.00
N GLY A 111 16.32 -5.96 3.95
CA GLY A 111 15.12 -5.19 3.69
C GLY A 111 15.33 -3.72 3.96
N GLU A 112 16.22 -3.41 4.90
CA GLU A 112 16.51 -2.03 5.26
C GLU A 112 17.47 -1.36 4.30
N GLN A 113 18.20 -2.16 3.53
CA GLN A 113 19.20 -1.65 2.61
C GLN A 113 18.58 -0.73 1.55
N LEU A 114 19.11 0.48 1.45
CA LEU A 114 18.55 1.50 0.58
C LEU A 114 18.87 1.26 -0.90
N PHE A 115 18.01 1.78 -1.77
CA PHE A 115 18.24 1.74 -3.20
C PHE A 115 18.70 3.10 -3.71
N ASP A 116 19.64 3.09 -4.65
CA ASP A 116 19.97 4.31 -5.39
C ASP A 116 19.26 4.23 -6.72
N LEU A 117 18.10 4.89 -6.82
CA LEU A 117 17.20 4.72 -7.95
C LEU A 117 17.73 5.28 -9.26
N THR A 118 18.91 5.86 -9.23
CA THR A 118 19.57 6.33 -10.45
C THR A 118 20.53 5.29 -11.00
N ARG A 119 21.03 4.44 -10.12
CA ARG A 119 22.07 3.48 -10.48
C ARG A 119 21.62 2.04 -10.27
N ASP A 120 20.77 1.81 -9.27
CA ASP A 120 20.36 0.46 -8.91
C ASP A 120 19.00 0.08 -9.48
N MET A 121 18.80 -1.22 -9.70
CA MET A 121 17.49 -1.75 -10.07
C MET A 121 16.56 -1.61 -8.86
N PRO A 122 15.25 -1.43 -9.12
CA PRO A 122 14.32 -1.15 -8.02
C PRO A 122 13.95 -2.38 -7.18
N TRP A 123 14.65 -3.49 -7.39
CA TRP A 123 14.38 -4.69 -6.61
C TRP A 123 15.65 -5.46 -6.28
N ARG A 124 15.55 -6.38 -5.33
CA ARG A 124 16.70 -7.07 -4.77
C ARG A 124 16.27 -8.39 -4.11
N CYS A 125 17.07 -9.43 -4.29
CA CYS A 125 16.72 -10.74 -3.72
C CYS A 125 17.92 -11.51 -3.19
N GLU A 126 17.65 -12.39 -2.22
CA GLU A 126 18.69 -13.22 -1.61
C GLU A 126 18.14 -14.59 -1.23
N LEU A 127 19.01 -15.59 -1.21
CA LEU A 127 18.63 -16.94 -0.83
C LEU A 127 19.40 -17.40 0.40
N PHE A 128 18.67 -17.72 1.46
CA PHE A 128 19.29 -18.21 2.69
C PHE A 128 19.10 -19.71 2.85
N ALA A 129 20.14 -20.41 3.27
CA ALA A 129 20.09 -21.85 3.43
C ALA A 129 20.07 -22.27 4.90
N LEU A 130 18.97 -22.88 5.31
CA LEU A 130 18.81 -23.37 6.68
C LEU A 130 19.36 -24.79 6.80
N SER A 131 19.03 -25.62 5.82
CA SER A 131 19.57 -26.97 5.73
C SER A 131 19.72 -27.35 4.26
N GLU A 132 20.02 -28.62 4.01
CA GLU A 132 20.23 -29.08 2.63
C GLU A 132 18.96 -28.91 1.80
N LYS A 133 17.81 -29.12 2.43
CA LYS A 133 16.53 -29.06 1.71
C LYS A 133 15.56 -28.09 2.36
N GLU A 134 16.08 -26.95 2.83
CA GLU A 134 15.24 -25.90 3.37
C GLU A 134 15.90 -24.53 3.16
N HIS A 135 15.23 -23.67 2.40
CA HIS A 135 15.75 -22.35 2.09
C HIS A 135 14.73 -21.25 2.31
N VAL A 136 15.21 -20.01 2.39
CA VAL A 136 14.33 -18.86 2.50
C VAL A 136 14.70 -17.80 1.46
N LEU A 137 13.82 -17.59 0.50
CA LEU A 137 14.05 -16.59 -0.55
C LEU A 137 13.52 -15.23 -0.16
N SER A 138 14.41 -14.29 0.07
CA SER A 138 14.02 -12.92 0.40
C SER A 138 13.90 -12.08 -0.87
N VAL A 139 12.81 -11.33 -0.98
CA VAL A 139 12.61 -10.46 -2.13
C VAL A 139 12.18 -9.07 -1.67
N THR A 140 12.95 -8.05 -2.06
CA THR A 140 12.66 -6.68 -1.69
C THR A 140 12.47 -5.81 -2.93
N VAL A 141 11.32 -5.15 -3.03
CA VAL A 141 11.02 -4.28 -4.16
C VAL A 141 10.65 -2.88 -3.67
N HIS A 142 11.27 -1.86 -4.26
CA HIS A 142 10.97 -0.49 -3.90
C HIS A 142 9.57 -0.10 -4.36
N ARG A 143 8.93 0.79 -3.61
CA ARG A 143 7.54 1.18 -3.88
C ARG A 143 7.37 1.98 -5.17
N ILE A 144 8.48 2.42 -5.75
CA ILE A 144 8.45 3.15 -7.00
C ILE A 144 8.23 2.18 -8.17
N ALA A 145 8.29 0.88 -7.88
CA ALA A 145 8.22 -0.13 -8.93
C ALA A 145 7.07 -1.12 -8.73
N ALA A 146 6.46 -1.12 -7.56
CA ALA A 146 5.41 -2.10 -7.28
C ALA A 146 4.52 -1.73 -6.10
N ASP A 147 3.30 -2.26 -6.09
CA ASP A 147 2.42 -2.20 -4.95
C ASP A 147 2.22 -3.59 -4.36
N ASP A 148 1.28 -3.74 -3.45
CA ASP A 148 1.06 -5.02 -2.78
C ASP A 148 0.47 -6.07 -3.71
N ASP A 149 -0.39 -5.64 -4.63
CA ASP A 149 -0.98 -6.55 -5.60
C ASP A 149 0.05 -7.06 -6.59
N SER A 150 1.10 -6.27 -6.81
CA SER A 150 2.16 -6.63 -7.74
C SER A 150 2.98 -7.82 -7.24
N MET A 151 3.01 -8.00 -5.93
CA MET A 151 3.76 -9.08 -5.32
C MET A 151 3.10 -10.44 -5.61
N ASP A 152 1.77 -10.43 -5.70
CA ASP A 152 1.03 -11.64 -6.04
C ASP A 152 1.36 -12.06 -7.47
N VAL A 153 1.51 -11.06 -8.33
CA VAL A 153 1.88 -11.30 -9.74
C VAL A 153 3.31 -11.80 -9.83
N PHE A 154 4.19 -11.23 -9.01
CA PHE A 154 5.60 -11.58 -9.00
C PHE A 154 5.83 -13.07 -8.78
N PHE A 155 5.22 -13.62 -7.74
CA PHE A 155 5.42 -15.02 -7.41
C PHE A 155 4.68 -15.95 -8.36
N ARG A 156 3.57 -15.47 -8.91
CA ARG A 156 2.81 -16.24 -9.88
C ARG A 156 3.64 -16.41 -11.16
N ASP A 157 4.38 -15.37 -11.52
CA ASP A 157 5.26 -15.42 -12.68
C ASP A 157 6.56 -16.15 -12.33
N LEU A 158 6.97 -16.04 -11.07
CA LEU A 158 8.15 -16.75 -10.59
C LEU A 158 7.92 -18.26 -10.62
N ALA A 159 6.72 -18.67 -10.23
CA ALA A 159 6.35 -20.08 -10.22
C ALA A 159 6.33 -20.66 -11.63
N ALA A 160 5.74 -19.90 -12.56
CA ALA A 160 5.67 -20.33 -13.95
C ALA A 160 7.07 -20.43 -14.56
N ALA A 161 7.93 -19.48 -14.19
CA ALA A 161 9.30 -19.46 -14.70
C ALA A 161 10.14 -20.57 -14.08
N TYR A 162 9.99 -20.78 -12.78
CA TYR A 162 10.76 -21.81 -12.07
C TYR A 162 10.38 -23.21 -12.52
N GLY A 163 9.09 -23.41 -12.80
CA GLY A 163 8.60 -24.69 -13.25
C GLY A 163 9.19 -25.09 -14.60
N ALA A 164 9.55 -24.09 -15.39
CA ALA A 164 10.15 -24.31 -16.70
C ALA A 164 11.66 -24.53 -16.58
N ARG A 165 12.33 -23.65 -15.85
CA ARG A 165 13.77 -23.71 -15.68
C ARG A 165 14.21 -24.97 -14.94
N ARG A 166 13.32 -25.48 -14.09
CA ARG A 166 13.60 -26.70 -13.35
C ARG A 166 13.66 -27.90 -14.29
N ALA A 167 12.97 -27.79 -15.42
CA ALA A 167 12.96 -28.85 -16.42
C ALA A 167 13.94 -28.55 -17.55
N GLY A 168 14.78 -27.55 -17.35
CA GLY A 168 15.77 -27.16 -18.33
C GLY A 168 15.17 -26.39 -19.50
N ARG A 169 13.97 -25.86 -19.29
CA ARG A 169 13.26 -25.12 -20.34
C ARG A 169 13.15 -23.65 -20.01
N ALA A 170 12.91 -22.84 -21.04
CA ALA A 170 12.62 -21.42 -20.85
C ALA A 170 11.11 -21.21 -20.92
N PRO A 171 10.59 -20.30 -20.07
CA PRO A 171 9.15 -20.06 -20.01
C PRO A 171 8.57 -19.56 -21.33
N GLU A 172 7.77 -20.39 -21.97
CA GLU A 172 7.10 -20.01 -23.22
C GLU A 172 5.74 -19.37 -22.90
N ARG A 173 5.75 -18.07 -22.63
CA ARG A 173 4.53 -17.37 -22.25
C ARG A 173 4.24 -16.19 -23.16
N ALA A 174 2.98 -15.75 -23.16
CA ALA A 174 2.58 -14.58 -23.92
C ALA A 174 3.11 -13.33 -23.26
N PRO A 175 3.82 -12.48 -24.04
CA PRO A 175 4.38 -11.23 -23.50
C PRO A 175 3.29 -10.28 -23.04
N LEU A 176 3.61 -9.43 -22.06
CA LEU A 176 2.65 -8.45 -21.57
C LEU A 176 2.17 -7.54 -22.69
N ALA A 177 0.86 -7.35 -22.75
CA ALA A 177 0.27 -6.43 -23.74
C ALA A 177 0.75 -5.02 -23.46
N LEU A 178 1.03 -4.72 -22.20
CA LEU A 178 1.48 -3.41 -21.79
C LEU A 178 2.61 -3.48 -20.77
N GLN A 179 3.62 -2.64 -20.96
CA GLN A 179 4.63 -2.42 -19.94
C GLN A 179 4.26 -1.19 -19.14
N PHE A 180 4.90 -0.97 -18.01
CA PHE A 180 4.54 0.15 -17.15
C PHE A 180 4.90 1.48 -17.80
N ALA A 181 5.87 1.45 -18.72
CA ALA A 181 6.25 2.65 -19.46
C ALA A 181 5.07 3.17 -20.26
N ASP A 182 4.25 2.25 -20.77
CA ASP A 182 3.06 2.62 -21.53
C ASP A 182 2.03 3.31 -20.65
N TYR A 183 1.89 2.82 -19.41
CA TYR A 183 0.93 3.39 -18.47
C TYR A 183 1.33 4.80 -18.05
N ALA A 184 2.63 5.01 -17.84
CA ALA A 184 3.14 6.31 -17.45
C ALA A 184 2.93 7.34 -18.56
N ILE A 185 3.10 6.90 -19.80
CA ILE A 185 2.86 7.75 -20.96
C ILE A 185 1.37 8.10 -21.05
N TRP A 186 0.53 7.11 -20.81
CA TRP A 186 -0.91 7.29 -20.84
C TRP A 186 -1.39 8.29 -19.78
N GLU A 187 -0.79 8.22 -18.59
CA GLU A 187 -1.16 9.12 -17.51
C GLU A 187 -0.77 10.56 -17.83
N GLN A 188 0.35 10.73 -18.50
CA GLN A 188 0.84 12.06 -18.85
C GLN A 188 -0.06 12.72 -19.90
N ARG A 189 -0.47 11.95 -20.90
CA ARG A 189 -1.37 12.45 -21.93
C ARG A 189 -2.77 12.70 -21.36
N LEU A 190 -3.05 12.10 -20.21
CA LEU A 190 -4.31 12.33 -19.51
C LEU A 190 -4.23 13.66 -18.77
N LEU A 191 -3.19 13.82 -17.95
CA LEU A 191 -3.00 15.02 -17.16
C LEU A 191 -2.62 16.23 -18.02
N ASP A 192 -2.47 16.01 -19.32
CA ASP A 192 -2.26 17.11 -20.25
C ASP A 192 -3.59 17.65 -20.76
N GLY A 193 -4.65 17.37 -20.00
CA GLY A 193 -5.99 17.84 -20.35
C GLY A 193 -6.34 19.11 -19.59
N GLU A 194 -5.43 19.56 -18.75
CA GLU A 194 -5.62 20.78 -17.99
C GLU A 194 -5.45 22.01 -18.88
N ARG A 195 -4.91 21.77 -20.08
CA ARG A 195 -4.75 22.83 -21.07
C ARG A 195 -6.10 23.21 -21.65
N GLU A 196 -6.89 22.21 -22.03
CA GLU A 196 -8.24 22.45 -22.53
C GLU A 196 -9.15 22.92 -21.39
N GLN A 197 -9.99 23.91 -21.68
CA GLN A 197 -10.83 24.51 -20.65
C GLN A 197 -11.98 23.61 -20.22
N ASP A 198 -12.60 22.93 -21.17
CA ASP A 198 -13.77 22.12 -20.90
C ASP A 198 -13.47 20.61 -20.95
N SER A 199 -12.26 20.24 -20.56
CA SER A 199 -11.87 18.84 -20.54
C SER A 199 -12.53 18.08 -19.39
N LEU A 200 -12.65 16.77 -19.54
CA LEU A 200 -13.27 15.93 -18.52
C LEU A 200 -12.39 15.80 -17.28
N ILE A 201 -11.10 16.06 -17.45
CA ILE A 201 -10.16 15.91 -16.34
C ILE A 201 -10.08 17.19 -15.51
N ASN A 202 -10.43 18.32 -16.11
CA ASN A 202 -10.49 19.58 -15.38
C ASN A 202 -11.68 19.61 -14.43
N ASP A 203 -12.68 18.79 -14.73
CA ASP A 203 -13.85 18.66 -13.86
C ASP A 203 -13.46 17.95 -12.57
N GLN A 204 -12.59 16.95 -12.68
CA GLN A 204 -12.15 16.18 -11.52
C GLN A 204 -11.17 16.97 -10.67
N ILE A 205 -10.39 17.84 -11.31
CA ILE A 205 -9.42 18.67 -10.60
C ILE A 205 -10.14 19.71 -9.74
N THR A 206 -11.14 20.37 -10.33
CA THR A 206 -11.91 21.38 -9.62
C THR A 206 -12.72 20.76 -8.47
N PHE A 207 -13.02 19.47 -8.60
CA PHE A 207 -13.71 18.75 -7.53
C PHE A 207 -12.80 18.63 -6.30
N TRP A 208 -11.61 18.07 -6.50
CA TRP A 208 -10.66 17.90 -5.41
C TRP A 208 -10.20 19.25 -4.87
N ARG A 209 -10.18 20.26 -5.73
CA ARG A 209 -9.88 21.62 -5.31
C ARG A 209 -10.95 22.13 -4.37
N ASN A 210 -12.20 21.74 -4.65
CA ASN A 210 -13.34 22.15 -3.85
C ASN A 210 -13.54 21.27 -2.62
N HIS A 211 -13.40 19.97 -2.82
CA HIS A 211 -13.64 18.99 -1.76
C HIS A 211 -12.65 19.12 -0.61
N LEU A 212 -11.39 19.43 -0.91
CA LEU A 212 -10.34 19.47 0.09
C LEU A 212 -9.90 20.89 0.43
N ALA A 213 -10.70 21.87 0.05
CA ALA A 213 -10.36 23.27 0.32
C ALA A 213 -10.56 23.63 1.79
N GLY A 214 -9.48 24.02 2.45
CA GLY A 214 -9.55 24.48 3.82
C GLY A 214 -9.15 23.43 4.85
N ILE A 215 -8.69 22.28 4.39
CA ILE A 215 -8.25 21.23 5.29
C ILE A 215 -6.99 21.66 6.03
N ASP A 216 -6.86 21.18 7.27
CA ASP A 216 -5.70 21.54 8.09
C ASP A 216 -4.42 20.91 7.55
N GLN A 217 -3.30 21.53 7.87
CA GLN A 217 -2.00 21.02 7.47
C GLN A 217 -1.75 19.65 8.09
N GLU A 218 -2.06 19.51 9.37
CA GLU A 218 -1.95 18.24 10.06
C GLU A 218 -3.26 17.82 10.70
N THR A 219 -3.33 16.57 11.10
CA THR A 219 -4.43 16.09 11.94
C THR A 219 -3.95 16.07 13.38
N VAL A 220 -4.69 16.74 14.26
CA VAL A 220 -4.30 16.85 15.66
C VAL A 220 -4.33 15.50 16.35
N LEU A 221 -3.16 14.90 16.53
CA LEU A 221 -3.01 13.58 17.11
C LEU A 221 -2.29 13.66 18.45
N PRO A 222 -2.46 12.65 19.32
CA PRO A 222 -1.77 12.66 20.61
C PRO A 222 -0.28 12.39 20.49
N PHE A 223 0.45 13.31 19.87
CA PHE A 223 1.89 13.18 19.71
C PHE A 223 2.60 13.19 21.06
N ASP A 224 3.63 12.36 21.19
CA ASP A 224 4.48 12.38 22.38
C ASP A 224 5.71 13.25 22.11
N ARG A 225 6.05 13.39 20.83
CA ARG A 225 7.18 14.22 20.43
C ARG A 225 6.80 15.07 19.23
N ALA A 226 7.50 16.20 19.06
CA ALA A 226 7.26 17.08 17.93
C ALA A 226 7.81 16.45 16.65
N ARG A 227 7.18 16.77 15.52
CA ARG A 227 7.60 16.22 14.24
C ARG A 227 8.98 16.75 13.86
N PRO A 228 9.96 15.84 13.74
CA PRO A 228 11.33 16.22 13.38
C PRO A 228 11.41 16.79 11.96
N ALA A 229 12.44 17.59 11.69
CA ALA A 229 12.63 18.18 10.37
C ALA A 229 12.82 17.09 9.32
N ILE A 230 13.63 16.09 9.65
CA ILE A 230 13.87 14.96 8.77
C ILE A 230 13.36 13.67 9.40
N PRO A 231 12.38 13.02 8.74
CA PRO A 231 11.75 11.80 9.26
C PRO A 231 12.66 10.58 9.13
N SER A 232 12.42 9.58 9.97
CA SER A 232 13.20 8.34 9.92
C SER A 232 12.33 7.20 9.41
N ARG A 233 11.01 7.42 9.41
CA ARG A 233 10.03 6.44 8.95
C ARG A 233 10.11 5.12 9.73
N ARG A 234 10.63 5.17 10.95
CA ARG A 234 10.66 4.00 11.82
C ARG A 234 9.25 3.67 12.27
N ALA A 235 8.82 2.44 12.01
CA ALA A 235 7.45 2.03 12.29
C ALA A 235 7.36 1.07 13.46
N GLY A 236 6.33 1.26 14.29
CA GLY A 236 6.01 0.32 15.35
C GLY A 236 4.73 -0.41 14.98
N THR A 237 4.45 -1.50 15.68
CA THR A 237 3.28 -2.31 15.36
C THR A 237 2.53 -2.77 16.60
N VAL A 238 1.23 -2.50 16.62
CA VAL A 238 0.36 -2.95 17.70
C VAL A 238 -0.76 -3.82 17.15
N ALA A 239 -0.81 -5.06 17.59
CA ALA A 239 -1.83 -6.00 17.13
C ALA A 239 -3.22 -5.51 17.50
N LEU A 240 -4.18 -5.75 16.61
CA LEU A 240 -5.54 -5.27 16.79
C LEU A 240 -6.55 -6.30 16.28
N ARG A 241 -7.58 -6.58 17.07
CA ARG A 241 -8.61 -7.53 16.64
C ARG A 241 -9.97 -7.23 17.25
N LEU A 242 -10.98 -7.17 16.40
CA LEU A 242 -12.37 -7.16 16.84
C LEU A 242 -12.90 -8.59 16.77
N ASP A 243 -13.34 -9.12 17.90
CA ASP A 243 -13.78 -10.52 17.95
C ASP A 243 -15.01 -10.78 17.07
N ALA A 244 -15.23 -12.05 16.75
CA ALA A 244 -16.29 -12.46 15.84
C ALA A 244 -17.66 -12.04 16.32
N GLY A 245 -17.86 -12.08 17.63
CA GLY A 245 -19.12 -11.67 18.24
C GLY A 245 -19.53 -10.26 17.86
N PRO A 246 -18.77 -9.26 18.33
CA PRO A 246 -19.02 -7.85 17.99
C PRO A 246 -18.99 -7.58 16.49
N HIS A 247 -18.16 -8.32 15.76
CA HIS A 247 -18.08 -8.19 14.31
C HIS A 247 -19.40 -8.57 13.66
N ALA A 248 -20.03 -9.63 14.18
CA ALA A 248 -21.30 -10.11 13.66
C ALA A 248 -22.41 -9.10 13.90
N ARG A 249 -22.42 -8.51 15.09
CA ARG A 249 -23.46 -7.53 15.44
C ARG A 249 -23.23 -6.20 14.73
N LEU A 250 -21.98 -5.94 14.35
CA LEU A 250 -21.66 -4.73 13.61
C LEU A 250 -22.10 -4.87 12.15
N ALA A 251 -22.09 -6.11 11.66
CA ALA A 251 -22.52 -6.39 10.29
C ALA A 251 -24.03 -6.22 10.14
N GLU A 252 -24.74 -6.21 11.27
CA GLU A 252 -26.17 -5.96 11.25
C GLU A 252 -26.44 -4.48 10.98
N ALA A 253 -25.54 -3.62 11.44
CA ALA A 253 -25.63 -2.19 11.19
C ALA A 253 -25.22 -1.88 9.76
N VAL A 254 -24.44 -2.79 9.17
CA VAL A 254 -24.07 -2.68 7.76
C VAL A 254 -25.32 -2.70 6.88
N GLU A 255 -26.22 -3.65 7.17
CA GLU A 255 -27.50 -3.72 6.48
C GLU A 255 -28.39 -2.54 6.85
N SER A 256 -28.30 -2.09 8.10
CA SER A 256 -29.13 -1.00 8.59
C SER A 256 -28.83 0.30 7.84
N ALA A 257 -27.55 0.64 7.75
CA ALA A 257 -27.15 1.88 7.09
C ALA A 257 -27.09 1.72 5.58
N GLY A 258 -26.78 0.51 5.13
CA GLY A 258 -26.67 0.24 3.71
C GLY A 258 -25.28 0.57 3.17
N ALA A 259 -24.30 0.61 4.06
CA ALA A 259 -22.92 0.90 3.68
C ALA A 259 -21.98 -0.25 4.02
N ASP A 260 -20.90 -0.37 3.24
CA ASP A 260 -19.95 -1.46 3.44
C ASP A 260 -19.19 -1.33 4.75
N MET A 261 -18.59 -2.44 5.18
CA MET A 261 -17.84 -2.51 6.44
C MET A 261 -16.63 -1.57 6.57
N PRO A 262 -15.80 -1.44 5.51
CA PRO A 262 -14.69 -0.49 5.64
C PRO A 262 -15.15 0.94 5.96
N GLN A 263 -16.34 1.30 5.48
CA GLN A 263 -16.88 2.63 5.74
C GLN A 263 -17.38 2.75 7.18
N LEU A 264 -17.79 1.63 7.76
CA LEU A 264 -18.25 1.63 9.14
C LEU A 264 -17.07 1.78 10.10
N VAL A 265 -15.99 1.06 9.82
CA VAL A 265 -14.78 1.17 10.62
C VAL A 265 -14.19 2.57 10.48
N GLN A 266 -14.27 3.11 9.26
CA GLN A 266 -13.82 4.47 8.99
C GLN A 266 -14.63 5.48 9.78
N ALA A 267 -15.93 5.22 9.88
CA ALA A 267 -16.82 6.08 10.64
C ALA A 267 -16.47 6.04 12.12
N ALA A 268 -16.22 4.83 12.63
CA ALA A 268 -15.86 4.65 14.03
C ALA A 268 -14.50 5.25 14.34
N LEU A 269 -13.57 5.12 13.40
CA LEU A 269 -12.24 5.68 13.55
C LEU A 269 -12.30 7.20 13.61
N ALA A 270 -13.16 7.78 12.77
CA ALA A 270 -13.33 9.23 12.74
C ALA A 270 -13.88 9.75 14.07
N MET A 271 -14.87 9.05 14.61
CA MET A 271 -15.47 9.43 15.88
C MET A 271 -14.45 9.38 17.01
N LEU A 272 -13.54 8.42 16.95
CA LEU A 272 -12.51 8.27 17.97
C LEU A 272 -11.54 9.44 17.94
N LEU A 273 -11.16 9.86 16.73
CA LEU A 273 -10.20 10.94 16.56
C LEU A 273 -10.73 12.27 17.11
N THR A 274 -12.02 12.52 16.92
CA THR A 274 -12.65 13.72 17.44
C THR A 274 -12.61 13.74 18.96
N ARG A 275 -12.80 12.57 19.57
CA ARG A 275 -12.72 12.43 21.01
C ARG A 275 -11.29 12.61 21.49
N TYR A 276 -10.34 12.34 20.61
CA TYR A 276 -8.92 12.57 20.91
C TYR A 276 -8.56 14.03 20.71
N GLY A 277 -9.52 14.82 20.26
CA GLY A 277 -9.33 16.24 20.08
C GLY A 277 -8.72 16.61 18.73
N ALA A 278 -9.22 15.99 17.67
CA ALA A 278 -8.71 16.24 16.33
C ALA A 278 -9.63 17.15 15.53
N GLY A 279 -10.67 17.67 16.20
CA GLY A 279 -11.63 18.53 15.54
C GLY A 279 -12.72 17.74 14.86
N THR A 280 -13.57 18.42 14.10
CA THR A 280 -14.69 17.77 13.42
C THR A 280 -14.52 17.78 11.90
N ASP A 281 -13.36 18.25 11.45
CA ASP A 281 -13.07 18.27 10.02
C ASP A 281 -11.89 17.34 9.72
N LEU A 282 -12.19 16.04 9.60
CA LEU A 282 -11.15 15.03 9.44
C LEU A 282 -11.00 14.55 8.01
N VAL A 283 -9.80 14.09 7.68
CA VAL A 283 -9.52 13.46 6.40
C VAL A 283 -8.83 12.13 6.59
N ILE A 284 -9.58 11.04 6.44
CA ILE A 284 -9.02 9.70 6.55
C ILE A 284 -8.72 9.13 5.17
N GLY A 285 -7.48 8.76 4.94
CA GLY A 285 -7.07 8.25 3.64
C GLY A 285 -7.01 6.74 3.57
N THR A 286 -7.08 6.22 2.35
CA THR A 286 -6.97 4.79 2.11
C THR A 286 -6.31 4.55 0.75
N THR A 287 -5.89 3.31 0.51
CA THR A 287 -5.26 2.98 -0.76
C THR A 287 -6.11 2.01 -1.57
N LEU A 288 -6.70 2.52 -2.65
CA LEU A 288 -7.50 1.69 -3.54
C LEU A 288 -6.61 0.94 -4.51
N PRO A 289 -6.91 -0.36 -4.74
CA PRO A 289 -6.16 -1.16 -5.69
C PRO A 289 -6.36 -0.67 -7.12
N ARG A 290 -5.61 -1.25 -8.06
CA ARG A 290 -5.71 -0.87 -9.47
C ARG A 290 -7.13 -1.10 -9.99
N ASP A 291 -7.50 -0.35 -11.03
CA ASP A 291 -8.83 -0.45 -11.61
C ASP A 291 -9.14 -1.87 -12.07
N GLU A 292 -10.22 -2.43 -11.55
CA GLU A 292 -10.61 -3.81 -11.86
C GLU A 292 -11.06 -3.97 -13.31
N ASP A 293 -11.57 -2.90 -13.89
CA ASP A 293 -12.10 -2.93 -15.24
C ASP A 293 -11.00 -2.99 -16.30
N LEU A 294 -9.91 -2.28 -16.04
CA LEU A 294 -8.74 -2.31 -16.94
C LEU A 294 -8.04 -3.67 -16.81
N ILE A 295 -8.37 -4.58 -17.72
CA ILE A 295 -7.92 -5.96 -17.63
C ILE A 295 -6.43 -6.13 -17.97
N ASP A 296 -5.89 -5.22 -18.77
CA ASP A 296 -4.49 -5.31 -19.16
C ASP A 296 -3.54 -4.91 -18.04
N LEU A 297 -4.09 -4.33 -16.96
CA LEU A 297 -3.28 -3.94 -15.82
C LEU A 297 -3.23 -5.06 -14.78
N GLU A 298 -4.03 -6.09 -14.98
CA GLU A 298 -4.10 -7.20 -14.04
C GLU A 298 -2.80 -8.02 -13.95
N PRO A 299 -2.22 -8.42 -15.09
CA PRO A 299 -1.00 -9.24 -14.95
C PRO A 299 0.28 -8.42 -14.85
N MET A 300 0.17 -7.14 -14.55
CA MET A 300 1.33 -6.25 -14.55
C MET A 300 1.89 -5.98 -13.15
N ILE A 301 3.19 -5.74 -13.08
CA ILE A 301 3.84 -5.30 -11.85
C ILE A 301 4.07 -3.78 -11.93
N GLY A 302 3.64 -3.07 -10.89
CA GLY A 302 3.81 -1.63 -10.85
C GLY A 302 3.06 -0.98 -9.70
N PRO A 303 3.43 0.27 -9.37
CA PRO A 303 2.76 1.04 -8.32
C PRO A 303 1.41 1.56 -8.76
N PHE A 304 0.49 0.66 -9.11
CA PHE A 304 -0.81 1.04 -9.62
C PHE A 304 -1.77 1.47 -8.51
N ALA A 305 -1.47 1.06 -7.28
CA ALA A 305 -2.31 1.38 -6.12
C ALA A 305 -2.44 2.89 -5.94
N ARG A 306 -3.64 3.34 -5.64
CA ARG A 306 -3.94 4.78 -5.59
C ARG A 306 -4.41 5.23 -4.21
N PRO A 307 -3.72 6.22 -3.62
CA PRO A 307 -4.16 6.82 -2.37
C PRO A 307 -5.50 7.55 -2.56
N PHE A 308 -6.38 7.44 -1.56
CA PHE A 308 -7.74 7.94 -1.71
C PHE A 308 -8.19 8.71 -0.46
N PRO A 309 -8.04 10.04 -0.49
CA PRO A 309 -8.42 10.91 0.63
C PRO A 309 -9.91 11.19 0.70
N VAL A 310 -10.51 10.95 1.88
CA VAL A 310 -11.92 11.21 2.08
C VAL A 310 -12.15 12.15 3.26
N ARG A 311 -12.84 13.25 3.01
CA ARG A 311 -13.09 14.27 4.01
C ARG A 311 -14.50 14.14 4.59
N THR A 312 -14.60 14.08 5.91
CA THR A 312 -15.90 13.96 6.57
C THR A 312 -16.08 14.99 7.68
N ASP A 313 -17.33 15.42 7.87
CA ASP A 313 -17.67 16.37 8.92
C ASP A 313 -18.29 15.65 10.11
N LEU A 314 -17.83 15.99 11.31
CA LEU A 314 -18.28 15.31 12.52
C LEU A 314 -18.97 16.27 13.48
N SER A 315 -19.51 17.36 12.96
CA SER A 315 -20.15 18.39 13.78
C SER A 315 -21.55 17.98 14.23
N ALA A 316 -22.13 18.78 15.10
CA ALA A 316 -23.49 18.60 15.61
C ALA A 316 -23.66 17.29 16.39
N ASP A 317 -22.55 16.77 16.91
CA ASP A 317 -22.54 15.54 17.72
C ASP A 317 -23.38 14.43 17.11
N PRO A 318 -22.94 13.88 15.97
CA PRO A 318 -23.75 12.91 15.22
C PRO A 318 -23.71 11.50 15.82
N THR A 319 -24.73 10.70 15.48
CA THR A 319 -24.76 9.30 15.88
C THR A 319 -23.86 8.49 14.96
N PHE A 320 -23.59 7.24 15.34
CA PHE A 320 -22.75 6.37 14.52
C PHE A 320 -23.37 6.14 13.15
N LEU A 321 -24.68 5.92 13.12
CA LEU A 321 -25.41 5.75 11.86
C LEU A 321 -25.28 7.00 10.99
N GLU A 322 -25.26 8.17 11.62
CA GLU A 322 -25.15 9.43 10.91
C GLU A 322 -23.75 9.61 10.31
N VAL A 323 -22.73 9.22 11.07
CA VAL A 323 -21.36 9.33 10.60
C VAL A 323 -21.13 8.38 9.42
N VAL A 324 -21.67 7.16 9.54
CA VAL A 324 -21.62 6.19 8.46
C VAL A 324 -22.29 6.76 7.21
N ALA A 325 -23.39 7.46 7.40
CA ALA A 325 -24.12 8.10 6.30
C ALA A 325 -23.27 9.18 5.63
N ARG A 326 -22.64 10.02 6.44
CA ARG A 326 -21.81 11.10 5.92
C ARG A 326 -20.58 10.54 5.20
N VAL A 327 -20.06 9.43 5.72
CA VAL A 327 -18.92 8.77 5.10
C VAL A 327 -19.31 8.15 3.76
N GLN A 328 -20.44 7.45 3.73
CA GLN A 328 -20.89 6.75 2.53
C GLN A 328 -21.18 7.72 1.40
N GLU A 329 -21.55 8.95 1.75
CA GLU A 329 -21.85 9.97 0.74
C GLU A 329 -20.58 10.57 0.19
N ALA A 330 -19.61 10.83 1.07
CA ALA A 330 -18.33 11.40 0.67
C ALA A 330 -17.56 10.44 -0.23
N VAL A 331 -17.56 9.16 0.14
CA VAL A 331 -16.89 8.13 -0.64
C VAL A 331 -17.56 7.95 -1.99
N ARG A 332 -18.89 7.92 -1.99
CA ARG A 332 -19.68 7.75 -3.21
C ARG A 332 -19.35 8.81 -4.27
N GLU A 333 -19.29 10.07 -3.85
CA GLU A 333 -19.04 11.16 -4.77
C GLU A 333 -17.59 11.24 -5.21
N ALA A 334 -16.67 10.88 -4.31
CA ALA A 334 -15.25 11.01 -4.60
C ALA A 334 -14.74 9.90 -5.52
N ARG A 335 -15.44 8.76 -5.52
CA ARG A 335 -15.00 7.60 -6.29
C ARG A 335 -15.12 7.78 -7.80
N GLN A 336 -15.95 8.74 -8.23
CA GLN A 336 -16.14 8.96 -9.65
C GLN A 336 -15.20 10.05 -10.17
N HIS A 337 -14.16 10.35 -9.38
CA HIS A 337 -13.14 11.32 -9.76
C HIS A 337 -11.74 10.79 -9.44
N LEU A 338 -11.46 9.57 -9.87
CA LEU A 338 -10.21 8.89 -9.48
C LEU A 338 -9.13 8.95 -10.55
N ASP A 339 -9.44 9.57 -11.69
CA ASP A 339 -8.47 9.67 -12.78
C ASP A 339 -7.34 10.64 -12.44
N VAL A 340 -7.57 11.48 -11.44
CA VAL A 340 -6.54 12.40 -10.96
C VAL A 340 -5.73 11.75 -9.84
N PRO A 341 -4.44 11.49 -10.10
CA PRO A 341 -3.55 10.88 -9.12
C PRO A 341 -3.44 11.70 -7.84
N PHE A 342 -3.45 11.04 -6.69
CA PHE A 342 -3.36 11.72 -5.40
C PHE A 342 -2.09 12.55 -5.29
N GLU A 343 -1.01 12.07 -5.91
CA GLU A 343 0.29 12.73 -5.82
C GLU A 343 0.30 14.05 -6.62
N LYS A 344 -0.71 14.22 -7.47
CA LYS A 344 -0.85 15.44 -8.27
C LYS A 344 -1.65 16.50 -7.50
N ILE A 345 -2.40 16.05 -6.50
CA ILE A 345 -3.31 16.93 -5.76
C ILE A 345 -2.64 18.07 -4.96
N PRO A 346 -1.57 17.79 -4.19
CA PRO A 346 -1.00 18.88 -3.38
C PRO A 346 -0.52 20.08 -4.19
N GLU A 347 -0.25 19.88 -5.48
CA GLU A 347 0.11 20.96 -6.37
C GLU A 347 -1.12 21.76 -6.78
N LEU A 348 -2.23 21.04 -6.95
CA LEU A 348 -3.48 21.65 -7.38
C LEU A 348 -4.17 22.39 -6.23
N LEU A 349 -3.88 21.97 -5.01
CA LEU A 349 -4.42 22.63 -3.82
C LEU A 349 -3.50 23.75 -3.35
N ALA A 350 -2.38 23.91 -4.05
CA ALA A 350 -1.33 24.86 -3.69
C ALA A 350 -0.87 24.64 -2.25
N LEU A 351 -0.72 23.37 -1.89
CA LEU A 351 -0.26 22.99 -0.55
C LEU A 351 1.23 23.28 -0.38
N PRO A 352 1.63 23.71 0.83
CA PRO A 352 3.04 23.99 1.13
C PRO A 352 3.92 22.75 1.00
N GLY A 353 3.44 21.62 1.52
CA GLY A 353 4.16 20.37 1.42
C GLY A 353 5.33 20.26 2.39
N SER A 354 5.56 19.04 2.87
CA SER A 354 6.66 18.79 3.79
C SER A 354 7.39 17.50 3.43
N LEU A 355 8.60 17.34 3.96
CA LEU A 355 9.37 16.12 3.75
C LEU A 355 9.14 15.15 4.91
N SER A 356 8.64 15.68 6.01
CA SER A 356 8.44 14.87 7.21
C SER A 356 6.97 14.52 7.43
N ARG A 357 6.09 15.10 6.62
CA ARG A 357 4.66 14.85 6.76
C ARG A 357 4.03 14.39 5.44
N HIS A 358 3.15 13.40 5.53
CA HIS A 358 2.37 12.96 4.39
C HIS A 358 1.30 13.99 4.07
N PRO A 359 1.19 14.39 2.80
CA PRO A 359 0.27 15.45 2.38
C PRO A 359 -1.20 15.06 2.54
N VAL A 360 -2.07 16.07 2.62
CA VAL A 360 -3.52 15.89 2.73
C VAL A 360 -3.95 15.15 3.99
N TYR A 361 -3.50 13.91 4.16
CA TYR A 361 -3.87 13.13 5.34
C TYR A 361 -2.67 12.44 5.99
N GLN A 362 -2.80 12.14 7.27
CA GLN A 362 -1.73 11.50 8.03
C GLN A 362 -2.20 10.21 8.68
N VAL A 363 -3.51 10.00 8.68
CA VAL A 363 -4.10 8.77 9.22
C VAL A 363 -4.66 7.90 8.10
N GLY A 364 -4.18 6.66 8.02
CA GLY A 364 -4.62 5.74 7.00
C GLY A 364 -5.41 4.57 7.55
N LEU A 365 -6.28 4.00 6.72
CA LEU A 365 -7.09 2.85 7.12
C LEU A 365 -7.31 1.88 5.95
N GLN A 366 -7.02 0.61 6.20
CA GLN A 366 -7.19 -0.43 5.18
C GLN A 366 -8.00 -1.60 5.72
N VAL A 367 -9.13 -1.89 5.07
CA VAL A 367 -9.96 -3.02 5.45
C VAL A 367 -10.19 -3.95 4.27
N ARG A 368 -9.57 -5.11 4.30
CA ARG A 368 -9.65 -6.06 3.19
C ARG A 368 -10.66 -7.17 3.48
N GLU A 369 -11.19 -7.77 2.41
CA GLU A 369 -12.20 -8.80 2.53
C GLU A 369 -11.59 -10.20 2.40
N GLU A 370 -10.27 -10.24 2.34
CA GLU A 370 -9.47 -11.47 2.22
C GLU A 370 -9.85 -12.38 1.05
N ASP A 371 -10.80 -11.93 0.22
CA ASP A 371 -11.24 -12.69 -0.93
C ASP A 371 -10.14 -12.84 -1.98
N GLY A 373 -8.16 -9.08 -1.02
CA GLY A 373 -7.31 -10.10 -0.44
C GLY A 373 -5.84 -9.70 -0.43
N ALA A 374 -4.99 -10.57 0.11
CA ALA A 374 -3.56 -10.31 0.15
C ALA A 374 -2.84 -11.13 -0.93
N TRP A 375 -1.55 -10.86 -1.11
CA TRP A 375 -0.77 -11.61 -2.08
C TRP A 375 -0.53 -13.03 -1.57
N ASP A 376 -0.82 -14.00 -2.43
CA ASP A 376 -0.63 -15.39 -2.07
C ASP A 376 0.72 -15.90 -2.55
N ALA A 377 1.40 -16.65 -1.69
CA ALA A 377 2.57 -17.41 -2.10
C ALA A 377 2.20 -18.40 -3.20
N ALA A 378 2.90 -18.31 -4.33
CA ALA A 378 2.63 -19.15 -5.49
C ALA A 378 3.41 -20.45 -5.43
N GLU A 379 2.77 -21.58 -5.70
CA GLU A 379 3.45 -22.88 -5.59
C GLU A 379 4.66 -23.10 -6.52
N LEU A 380 5.82 -23.36 -5.93
CA LEU A 380 6.99 -23.79 -6.70
C LEU A 380 6.93 -25.32 -6.77
N PRO A 381 6.93 -25.87 -8.00
CA PRO A 381 6.86 -27.33 -8.21
C PRO A 381 7.87 -28.12 -7.38
N ALA A 382 7.43 -29.24 -6.82
CA ALA A 382 8.28 -30.10 -5.98
C ALA A 382 8.81 -29.36 -4.75
N LEU A 383 8.09 -28.35 -4.31
CA LEU A 383 8.50 -27.57 -3.14
C LEU A 383 7.30 -27.13 -2.31
N ARG A 384 7.40 -27.34 -1.00
CA ARG A 384 6.39 -26.82 -0.07
C ARG A 384 6.69 -25.37 0.25
N THR A 385 5.94 -24.45 -0.37
CA THR A 385 6.21 -23.03 -0.23
C THR A 385 5.23 -22.36 0.73
N SER A 386 5.74 -21.48 1.57
CA SER A 386 4.91 -20.73 2.51
C SER A 386 5.51 -19.35 2.78
N VAL A 387 4.66 -18.41 3.14
CA VAL A 387 5.11 -17.05 3.44
C VAL A 387 5.90 -17.01 4.74
N GLU A 388 7.10 -16.44 4.68
CA GLU A 388 7.93 -16.26 5.86
C GLU A 388 7.81 -14.83 6.38
N PRO A 389 7.56 -14.68 7.68
CA PRO A 389 7.38 -13.37 8.31
C PRO A 389 8.61 -12.48 8.17
N THR A 390 8.37 -11.19 7.95
CA THR A 390 9.45 -10.21 7.85
C THR A 390 9.21 -9.05 8.80
N GLY A 391 10.12 -8.08 8.80
CA GLY A 391 10.00 -6.92 9.67
C GLY A 391 8.90 -5.99 9.22
N VAL A 392 8.54 -5.04 10.08
CA VAL A 392 7.54 -4.04 9.74
C VAL A 392 8.13 -3.02 8.76
N GLU A 393 7.39 -2.73 7.70
CA GLU A 393 7.86 -1.81 6.67
C GLU A 393 7.91 -0.37 7.17
N ALA A 394 8.63 0.48 6.45
CA ALA A 394 8.72 1.89 6.79
C ALA A 394 7.36 2.57 6.64
N ILE A 395 7.07 3.51 7.52
CA ILE A 395 5.78 4.20 7.49
C ILE A 395 5.91 5.64 7.03
N GLU A 396 5.05 6.03 6.09
CA GLU A 396 5.05 7.38 5.55
C GLU A 396 4.05 8.25 6.30
N LEU A 397 3.01 7.60 6.83
CA LEU A 397 1.96 8.29 7.57
C LEU A 397 2.33 8.44 9.05
N ASP A 398 1.41 9.00 9.81
CA ASP A 398 1.54 9.06 11.26
C ASP A 398 0.92 7.81 11.88
N LEU A 399 -0.32 7.54 11.49
CA LEU A 399 -1.03 6.34 11.92
C LEU A 399 -1.52 5.59 10.69
N ALA A 400 -1.40 4.27 10.72
CA ALA A 400 -1.80 3.44 9.59
C ALA A 400 -2.41 2.13 10.04
N PHE A 401 -3.74 2.05 10.01
CA PHE A 401 -4.44 0.83 10.38
C PHE A 401 -4.56 -0.11 9.18
N ALA A 402 -4.08 -1.34 9.34
CA ALA A 402 -4.20 -2.36 8.31
C ALA A 402 -5.01 -3.53 8.82
N LEU A 403 -6.30 -3.55 8.52
CA LEU A 403 -7.21 -4.56 9.05
C LEU A 403 -7.72 -5.50 7.97
N THR A 404 -8.17 -6.69 8.40
CA THR A 404 -8.68 -7.69 7.47
C THR A 404 -10.00 -8.26 8.00
N GLU A 405 -11.00 -8.33 7.11
CA GLU A 405 -12.30 -8.86 7.47
C GLU A 405 -12.32 -10.37 7.29
N ARG A 406 -12.39 -11.10 8.41
CA ARG A 406 -12.29 -12.56 8.39
C ARG A 406 -13.65 -13.24 8.28
N ARG A 407 -13.67 -14.39 7.60
CA ARG A 407 -14.88 -15.20 7.47
C ARG A 407 -14.56 -16.64 7.86
N ASN A 408 -15.58 -17.37 8.32
CA ASN A 408 -15.41 -18.79 8.62
C ASN A 408 -15.85 -19.67 7.46
N ASP A 409 -15.99 -20.96 7.70
CA ASP A 409 -16.39 -21.89 6.65
C ASP A 409 -17.85 -21.67 6.25
N ASP A 410 -18.67 -21.22 7.21
CA ASP A 410 -20.07 -20.94 6.93
C ASP A 410 -20.25 -19.57 6.28
N ASP A 411 -19.13 -18.91 6.02
CA ASP A 411 -19.10 -17.58 5.39
C ASP A 411 -19.87 -16.55 6.21
N ASP A 412 -19.76 -16.68 7.54
CA ASP A 412 -20.33 -15.69 8.45
C ASP A 412 -19.20 -14.86 9.06
N GLU A 413 -19.54 -13.81 9.78
CA GLU A 413 -18.55 -12.91 10.37
C GLU A 413 -17.68 -13.66 11.38
N ASP A 414 -16.36 -13.57 11.21
CA ASP A 414 -15.43 -14.28 12.07
C ASP A 414 -14.31 -13.37 12.58
N GLY A 415 -14.64 -12.10 12.81
CA GLY A 415 -13.71 -11.16 13.39
C GLY A 415 -12.98 -10.26 12.40
N ILE A 416 -12.47 -9.14 12.90
CA ILE A 416 -11.67 -8.22 12.09
C ILE A 416 -10.28 -8.07 12.68
N GLU A 417 -9.32 -8.76 12.08
CA GLU A 417 -7.95 -8.77 12.58
C GLU A 417 -7.07 -7.76 11.84
N GLY A 418 -5.92 -7.45 12.42
CA GLY A 418 -4.98 -6.53 11.81
C GLY A 418 -4.02 -5.92 12.81
N ALA A 419 -3.45 -4.78 12.46
CA ALA A 419 -2.50 -4.11 13.34
C ALA A 419 -2.40 -2.62 13.02
N LEU A 420 -2.11 -1.81 14.03
CA LEU A 420 -1.89 -0.39 13.85
C LEU A 420 -0.40 -0.08 13.72
N HIS A 421 -0.02 0.43 12.56
CA HIS A 421 1.36 0.86 12.34
C HIS A 421 1.49 2.35 12.65
N TYR A 422 2.46 2.69 13.49
CA TYR A 422 2.61 4.07 13.93
C TYR A 422 4.03 4.58 13.73
N ALA A 423 4.17 5.88 13.50
CA ALA A 423 5.47 6.52 13.43
C ALA A 423 6.09 6.60 14.82
N ALA A 424 7.19 5.87 15.02
CA ALA A 424 7.83 5.80 16.32
C ALA A 424 8.43 7.14 16.75
N ASP A 425 8.65 8.03 15.79
CA ASP A 425 9.18 9.35 16.08
C ASP A 425 8.16 10.22 16.82
N LEU A 426 6.88 9.92 16.63
CA LEU A 426 5.82 10.78 17.14
C LEU A 426 5.06 10.16 18.31
N PHE A 427 5.06 8.83 18.38
CA PHE A 427 4.28 8.13 19.40
C PHE A 427 5.09 7.08 20.14
N ASP A 428 4.77 6.89 21.41
CA ASP A 428 5.30 5.77 22.18
C ASP A 428 4.46 4.53 21.89
N HIS A 429 4.89 3.37 22.38
CA HIS A 429 4.13 2.15 22.15
C HIS A 429 2.81 2.17 22.90
N ASP A 430 2.86 2.57 24.17
CA ASP A 430 1.66 2.61 25.00
C ASP A 430 0.67 3.66 24.50
N THR A 431 1.20 4.70 23.86
CA THR A 431 0.34 5.73 23.27
C THR A 431 -0.45 5.16 22.10
N ALA A 432 0.23 4.40 21.26
CA ALA A 432 -0.40 3.80 20.08
C ALA A 432 -1.21 2.57 20.46
N ALA A 433 -0.77 1.86 21.49
CA ALA A 433 -1.48 0.68 21.95
C ALA A 433 -2.85 1.05 22.51
N SER A 434 -2.94 2.24 23.10
CA SER A 434 -4.21 2.74 23.62
C SER A 434 -5.13 3.15 22.46
N LEU A 435 -4.54 3.72 21.42
CA LEU A 435 -5.29 4.11 20.23
C LEU A 435 -5.92 2.90 19.55
N ALA A 436 -5.11 1.85 19.38
CA ALA A 436 -5.59 0.61 18.79
C ALA A 436 -6.63 -0.04 19.68
N ARG A 437 -6.41 0.05 20.99
CA ARG A 437 -7.31 -0.52 21.99
C ARG A 437 -8.66 0.18 21.97
N ARG A 438 -8.64 1.50 21.88
CA ARG A 438 -9.86 2.30 21.95
C ARG A 438 -10.66 2.28 20.65
N LEU A 439 -10.01 1.94 19.54
CA LEU A 439 -10.71 1.79 18.28
C LEU A 439 -11.66 0.60 18.34
N VAL A 440 -11.18 -0.48 18.95
CA VAL A 440 -11.98 -1.69 19.13
C VAL A 440 -13.13 -1.41 20.08
N ARG A 441 -12.85 -0.65 21.14
CA ARG A 441 -13.87 -0.31 22.13
C ARG A 441 -15.02 0.46 21.49
N VAL A 442 -14.68 1.44 20.66
CA VAL A 442 -15.68 2.20 19.92
C VAL A 442 -16.48 1.28 19.01
N LEU A 443 -15.76 0.42 18.29
CA LEU A 443 -16.39 -0.55 17.39
C LEU A 443 -17.35 -1.47 18.13
N GLU A 444 -17.02 -1.79 19.37
CA GLU A 444 -17.86 -2.68 20.18
C GLU A 444 -19.08 -1.94 20.71
N GLN A 445 -18.89 -0.68 21.09
CA GLN A 445 -19.99 0.12 21.64
C GLN A 445 -21.03 0.47 20.58
N VAL A 446 -20.56 0.87 19.40
CA VAL A 446 -21.47 1.28 18.33
C VAL A 446 -22.13 0.08 17.68
N ALA A 447 -21.55 -1.11 17.87
CA ALA A 447 -22.15 -2.33 17.37
C ALA A 447 -23.38 -2.69 18.18
N GLU A 448 -23.27 -2.53 19.50
CA GLU A 448 -24.38 -2.80 20.41
C GLU A 448 -25.47 -1.74 20.27
N ASP A 449 -25.05 -0.50 20.02
CA ASP A 449 -25.99 0.60 19.85
C ASP A 449 -25.46 1.60 18.82
N PRO A 450 -25.92 1.46 17.55
CA PRO A 450 -25.53 2.35 16.45
C PRO A 450 -26.05 3.78 16.63
N GLY A 451 -26.90 3.99 17.62
CA GLY A 451 -27.47 5.30 17.89
C GLY A 451 -26.61 6.13 18.82
N ARG A 452 -25.50 5.56 19.27
CA ARG A 452 -24.58 6.27 20.16
C ARG A 452 -23.92 7.44 19.45
N ARG A 453 -23.94 8.60 20.09
CA ARG A 453 -23.27 9.78 19.56
C ARG A 453 -21.82 9.82 20.01
N ILE A 454 -21.08 10.80 19.52
CA ILE A 454 -19.65 10.94 19.85
C ILE A 454 -19.46 11.16 21.35
N SER A 455 -20.40 11.89 21.95
CA SER A 455 -20.34 12.19 23.38
C SER A 455 -20.73 10.98 24.23
N ASP A 456 -21.36 9.99 23.60
CA ASP A 456 -21.84 8.80 24.31
C ASP A 456 -20.76 7.74 24.45
N LEU A 457 -19.68 7.87 23.68
CA LEU A 457 -18.61 6.88 23.67
C LEU A 457 -17.84 6.87 24.99
N ASP A 458 -17.40 5.68 25.40
CA ASP A 458 -16.61 5.53 26.62
C ASP A 458 -15.12 5.56 26.34
N ILE A 459 -14.57 6.77 26.19
CA ILE A 459 -13.15 6.95 25.93
C ILE A 459 -12.53 7.77 27.07
N LEU A 460 -11.31 7.41 27.46
CA LEU A 460 -10.65 8.07 28.58
C LEU A 460 -9.54 9.01 28.11
#